data_6SSH
#
_entry.id   6SSH
#
_cell.length_a   53.895
_cell.length_b   58.329
_cell.length_c   70.700
_cell.angle_alpha   90.00
_cell.angle_beta   90.00
_cell.angle_gamma   90.00
#
_symmetry.space_group_name_H-M   'P 21 21 21'
#
loop_
_entity.id
_entity.type
_entity.pdbx_description
1 polymer 'GTPase activator-like protein'
2 non-polymer 1,2-ETHANEDIOL
3 water water
#
_entity_poly.entity_id   1
_entity_poly.type   'polypeptide(L)'
_entity_poly.pdbx_seq_one_letter_code
;DGHKVGVIYIKEGQTHETEILANTMGSPDYHRFLKGLGALTRLKGATFNTQGLDRVNDMDGQYTYCWRDRVTEIVFHVTT
QMPTNLEHDPQCIMKKRHIGNDFVNIVWNDSGKPFRFDTFPSQFNYVYIVITPTPRVPFLAARTARKEDDDEQRFVMVQV
MSQPGFPEISPAAEPKIISLKALPSFVRLLALNASVFSLVWANR
;
_entity_poly.pdbx_strand_id   A
#
loop_
_chem_comp.id
_chem_comp.type
_chem_comp.name
_chem_comp.formula
EDO non-polymer 1,2-ETHANEDIOL 'C2 H6 O2'
#
# COMPACT_ATOMS: atom_id res chain seq x y z
N ASP A 1 16.88 9.45 -3.71
CA ASP A 1 16.04 8.53 -4.44
C ASP A 1 14.66 8.61 -3.81
N GLY A 2 13.60 8.74 -4.60
CA GLY A 2 12.27 8.75 -4.03
C GLY A 2 11.37 7.74 -4.69
N HIS A 3 10.64 7.02 -3.84
CA HIS A 3 9.74 5.98 -4.26
C HIS A 3 8.33 6.30 -3.81
N LYS A 4 7.39 5.70 -4.50
CA LYS A 4 5.98 5.81 -4.22
CA LYS A 4 5.98 5.82 -4.21
C LYS A 4 5.36 4.43 -4.21
N VAL A 5 4.63 4.13 -3.14
CA VAL A 5 4.11 2.81 -2.93
C VAL A 5 2.66 2.89 -2.45
N GLY A 6 1.76 2.17 -3.09
CA GLY A 6 0.39 2.19 -2.66
C GLY A 6 0.13 1.36 -1.43
N VAL A 7 -0.91 1.65 -0.68
CA VAL A 7 -1.34 0.84 0.43
C VAL A 7 -2.84 0.79 0.37
N ILE A 8 -3.38 -0.39 0.21
CA ILE A 8 -4.79 -0.60 -0.08
C ILE A 8 -5.44 -1.55 0.91
N TYR A 9 -6.43 -1.13 1.67
CA TYR A 9 -7.17 -1.97 2.60
C TYR A 9 -8.38 -2.58 1.93
N ILE A 10 -8.49 -3.91 2.01
CA ILE A 10 -9.63 -4.66 1.51
C ILE A 10 -10.48 -5.15 2.68
N LYS A 11 -11.74 -4.73 2.74
CA LYS A 11 -12.65 -5.06 3.82
C LYS A 11 -13.27 -6.44 3.59
N GLU A 12 -13.78 -7.04 4.66
CA GLU A 12 -14.43 -8.33 4.59
C GLU A 12 -15.47 -8.40 3.47
N GLY A 13 -15.39 -9.43 2.62
CA GLY A 13 -16.36 -9.63 1.57
C GLY A 13 -16.08 -8.95 0.24
N GLN A 14 -15.17 -7.97 0.21
CA GLN A 14 -14.96 -7.22 -1.02
C GLN A 14 -14.12 -7.97 -2.03
N THR A 15 -14.45 -7.76 -3.31
CA THR A 15 -13.83 -8.46 -4.41
C THR A 15 -13.41 -7.58 -5.55
N HIS A 16 -13.98 -6.35 -5.62
CA HIS A 16 -13.83 -5.51 -6.83
C HIS A 16 -13.16 -4.21 -6.51
N GLU A 17 -12.34 -3.73 -7.43
CA GLU A 17 -11.57 -2.50 -7.23
C GLU A 17 -12.40 -1.33 -6.74
N THR A 18 -13.54 -1.04 -7.34
CA THR A 18 -14.23 0.20 -7.07
CA THR A 18 -14.22 0.22 -7.05
C THR A 18 -14.69 0.25 -5.61
N GLU A 19 -15.29 -0.83 -5.13
CA GLU A 19 -15.72 -0.84 -3.74
C GLU A 19 -14.55 -0.79 -2.73
N ILE A 20 -13.44 -1.42 -3.10
CA ILE A 20 -12.25 -1.39 -2.24
C ILE A 20 -11.67 0.04 -2.12
N LEU A 21 -11.60 0.72 -3.26
CA LEU A 21 -11.03 2.07 -3.25
C LEU A 21 -11.92 3.00 -2.43
N ALA A 22 -13.18 2.75 -2.36
CA ALA A 22 -14.09 3.61 -1.62
C ALA A 22 -13.81 3.60 -0.11
N ASN A 23 -13.15 2.57 0.41
CA ASN A 23 -12.93 2.49 1.84
C ASN A 23 -12.19 3.69 2.37
N THR A 24 -12.62 4.16 3.56
CA THR A 24 -11.98 5.29 4.21
C THR A 24 -11.42 5.00 5.58
N MET A 25 -11.36 3.72 5.92
CA MET A 25 -10.67 3.28 7.14
C MET A 25 -10.50 1.78 7.02
N GLY A 26 -9.62 1.27 7.86
CA GLY A 26 -9.36 -0.14 7.99
C GLY A 26 -9.53 -0.63 9.43
N SER A 27 -8.96 -1.79 9.73
CA SER A 27 -9.05 -2.36 11.07
C SER A 27 -8.03 -1.71 12.00
N PRO A 28 -8.20 -1.93 13.31
CA PRO A 28 -7.23 -1.35 14.24
C PRO A 28 -5.82 -1.84 13.96
N ASP A 29 -5.62 -3.12 13.66
CA ASP A 29 -4.26 -3.59 13.39
C ASP A 29 -3.69 -2.97 12.12
N TYR A 30 -4.54 -2.76 11.12
CA TYR A 30 -4.11 -2.07 9.91
C TYR A 30 -3.65 -0.65 10.19
N HIS A 31 -4.42 0.05 11.02
CA HIS A 31 -4.03 1.41 11.40
C HIS A 31 -2.73 1.47 12.21
N ARG A 32 -2.53 0.51 13.11
CA ARG A 32 -1.27 0.48 13.86
C ARG A 32 -0.11 0.16 12.91
N PHE A 33 -0.36 -0.66 11.91
CA PHE A 33 0.64 -0.98 10.89
C PHE A 33 1.01 0.28 10.12
N LEU A 34 0.04 1.10 9.68
CA LEU A 34 0.40 2.35 8.99
C LEU A 34 1.32 3.24 9.81
N LYS A 35 1.07 3.30 11.10
CA LYS A 35 1.85 4.15 11.97
C LYS A 35 3.26 3.65 12.11
N GLY A 36 3.48 2.33 11.91
CA GLY A 36 4.84 1.84 11.88
C GLY A 36 5.55 1.93 10.55
N LEU A 37 4.76 2.03 9.49
CA LEU A 37 5.28 2.06 8.17
C LEU A 37 5.92 3.38 7.87
N GLY A 38 5.32 4.47 8.35
CA GLY A 38 5.87 5.78 8.13
C GLY A 38 5.31 6.79 9.10
N ALA A 39 5.79 8.02 9.01
CA ALA A 39 5.27 9.10 9.85
C ALA A 39 4.09 9.79 9.18
N LEU A 40 3.11 10.14 10.01
CA LEU A 40 1.97 10.92 9.52
C LEU A 40 2.44 12.33 9.13
N THR A 41 2.13 12.73 7.90
CA THR A 41 2.69 13.93 7.33
CA THR A 41 2.68 13.94 7.30
C THR A 41 1.58 14.74 6.65
N ARG A 42 1.52 16.03 6.97
CA ARG A 42 0.52 16.93 6.40
C ARG A 42 0.85 17.23 4.94
N LEU A 43 -0.17 17.15 4.07
CA LEU A 43 0.07 17.36 2.63
C LEU A 43 -0.05 18.82 2.14
N LYS A 44 -0.93 19.63 2.74
CA LYS A 44 -1.12 20.99 2.23
C LYS A 44 0.09 21.80 2.50
N GLY A 45 0.64 22.44 1.47
CA GLY A 45 1.86 23.22 1.65
C GLY A 45 3.11 22.42 1.87
N ALA A 46 3.06 21.12 1.61
CA ALA A 46 4.21 20.28 1.86
C ALA A 46 5.41 20.77 1.09
N THR A 47 6.56 20.64 1.76
CA THR A 47 7.81 21.14 1.16
C THR A 47 8.70 20.03 0.64
N PHE A 48 8.17 18.83 0.54
CA PHE A 48 8.89 17.68 0.02
C PHE A 48 8.13 17.19 -1.24
N ASN A 49 8.71 16.22 -1.95
CA ASN A 49 8.09 15.63 -3.12
C ASN A 49 6.96 14.69 -2.67
N THR A 50 5.71 15.08 -2.91
CA THR A 50 4.56 14.28 -2.49
C THR A 50 4.12 13.22 -3.49
N GLN A 51 4.96 12.99 -4.50
CA GLN A 51 4.74 11.90 -5.42
C GLN A 51 3.31 11.87 -5.94
N GLY A 52 2.86 13.05 -6.36
CA GLY A 52 1.57 13.17 -6.99
C GLY A 52 0.41 13.52 -6.08
N LEU A 53 0.56 13.40 -4.77
CA LEU A 53 -0.51 13.74 -3.83
C LEU A 53 -0.68 15.24 -3.76
N ASP A 54 -1.92 15.72 -3.81
CA ASP A 54 -2.19 17.14 -3.85
C ASP A 54 -1.64 17.85 -2.63
N ARG A 55 -0.89 18.92 -2.90
CA ARG A 55 -0.36 19.83 -1.87
CA ARG A 55 -0.36 19.87 -1.90
C ARG A 55 -1.14 21.16 -1.80
N VAL A 56 -2.15 21.33 -2.63
CA VAL A 56 -2.88 22.63 -2.72
C VAL A 56 -4.18 22.64 -1.96
N ASN A 57 -5.06 21.68 -2.24
CA ASN A 57 -6.39 21.70 -1.74
C ASN A 57 -6.86 20.48 -1.02
N ASP A 58 -5.92 19.61 -0.60
CA ASP A 58 -6.26 18.39 0.14
C ASP A 58 -7.19 17.47 -0.63
N MET A 59 -7.09 17.49 -1.94
CA MET A 59 -7.94 16.65 -2.76
C MET A 59 -7.70 15.16 -2.49
N ASP A 60 -6.44 14.81 -2.15
CA ASP A 60 -6.07 13.44 -1.87
C ASP A 60 -6.02 13.17 -0.36
N GLY A 61 -6.62 14.03 0.45
CA GLY A 61 -6.60 13.88 1.88
C GLY A 61 -5.66 14.88 2.54
N GLN A 62 -5.85 15.09 3.82
CA GLN A 62 -5.01 15.98 4.59
C GLN A 62 -3.66 15.39 4.95
N TYR A 63 -3.56 14.08 5.07
CA TYR A 63 -2.35 13.39 5.55
C TYR A 63 -2.01 12.17 4.72
N THR A 64 -0.71 11.87 4.65
CA THR A 64 -0.26 10.54 4.24
C THR A 64 0.80 10.07 5.25
N TYR A 65 1.36 8.91 4.96
CA TYR A 65 2.45 8.36 5.72
C TYR A 65 3.70 8.36 4.83
N CYS A 66 4.84 8.71 5.44
CA CYS A 66 6.09 8.84 4.68
C CYS A 66 7.25 8.27 5.48
N TRP A 67 8.23 7.77 4.74
CA TRP A 67 9.47 7.24 5.34
C TRP A 67 10.68 7.85 4.71
N ARG A 68 11.74 8.05 5.49
CA ARG A 68 12.99 8.54 4.94
C ARG A 68 14.14 7.85 5.65
N ASP A 69 15.19 7.50 4.90
CA ASP A 69 16.43 7.04 5.52
C ASP A 69 17.52 7.80 4.88
N ARG A 70 18.75 7.31 5.15
CA ARG A 70 19.92 8.04 4.71
C ARG A 70 20.03 8.18 3.19
N VAL A 71 19.35 7.32 2.44
CA VAL A 71 19.53 7.27 0.98
C VAL A 71 18.25 7.64 0.22
N THR A 72 17.11 7.33 0.79
CA THR A 72 15.90 7.43 0.01
C THR A 72 14.67 7.81 0.83
N GLU A 73 13.60 8.11 0.10
CA GLU A 73 12.35 8.53 0.71
C GLU A 73 11.27 7.65 0.08
N ILE A 74 10.25 7.32 0.85
CA ILE A 74 9.06 6.66 0.30
C ILE A 74 7.87 7.48 0.71
N VAL A 75 7.00 7.83 -0.25
CA VAL A 75 5.70 8.39 0.00
C VAL A 75 4.71 7.26 -0.24
N PHE A 76 3.90 6.95 0.77
CA PHE A 76 2.84 5.95 0.60
C PHE A 76 1.58 6.62 0.08
N HIS A 77 0.90 5.90 -0.80
CA HIS A 77 -0.39 6.33 -1.36
C HIS A 77 -1.44 5.47 -0.74
N VAL A 78 -2.03 5.92 0.36
CA VAL A 78 -2.86 5.10 1.24
C VAL A 78 -4.33 5.39 0.87
N THR A 79 -5.00 4.45 0.24
CA THR A 79 -6.34 4.75 -0.30
C THR A 79 -7.29 5.10 0.82
N THR A 80 -7.18 4.54 2.02
CA THR A 80 -8.07 4.88 3.11
C THR A 80 -7.80 6.32 3.64
N GLN A 81 -6.63 6.92 3.33
CA GLN A 81 -6.36 8.34 3.68
C GLN A 81 -7.02 9.31 2.72
N MET A 82 -7.46 8.83 1.58
CA MET A 82 -7.98 9.66 0.49
C MET A 82 -9.49 9.77 0.62
N PRO A 83 -10.05 10.96 0.40
CA PRO A 83 -11.50 11.12 0.56
C PRO A 83 -12.27 10.35 -0.51
N THR A 84 -13.43 9.86 -0.06
CA THR A 84 -14.39 9.22 -0.96
C THR A 84 -15.61 10.11 -1.10
N ASN A 85 -16.00 10.35 -2.32
CA ASN A 85 -17.27 11.01 -2.60
C ASN A 85 -17.83 10.37 -3.86
N LEU A 86 -18.80 9.48 -3.66
CA LEU A 86 -19.29 8.66 -4.78
C LEU A 86 -20.28 9.37 -5.69
N GLU A 87 -20.78 10.51 -5.26
CA GLU A 87 -21.48 11.40 -6.20
C GLU A 87 -20.54 12.05 -7.19
N HIS A 88 -19.43 12.59 -6.70
CA HIS A 88 -18.49 13.31 -7.53
C HIS A 88 -17.60 12.33 -8.32
N ASP A 89 -17.24 11.21 -7.69
CA ASP A 89 -16.20 10.33 -8.24
C ASP A 89 -16.62 8.91 -7.90
N PRO A 90 -17.68 8.41 -8.48
CA PRO A 90 -18.16 7.05 -8.15
C PRO A 90 -17.14 5.94 -8.42
N GLN A 91 -16.26 6.09 -9.39
CA GLN A 91 -15.26 5.08 -9.70
CA GLN A 91 -15.27 5.07 -9.70
C GLN A 91 -13.97 5.27 -8.92
N CYS A 92 -13.92 6.27 -8.05
CA CYS A 92 -12.72 6.60 -7.26
C CYS A 92 -11.52 6.78 -8.16
N ILE A 93 -11.69 7.42 -9.30
CA ILE A 93 -10.56 7.61 -10.21
C ILE A 93 -9.49 8.47 -9.54
N MET A 94 -9.82 9.35 -8.62
CA MET A 94 -8.80 10.15 -7.96
CA MET A 94 -8.79 10.14 -7.94
C MET A 94 -7.88 9.28 -7.08
N LYS A 95 -8.38 8.14 -6.58
CA LYS A 95 -7.52 7.19 -5.85
C LYS A 95 -6.81 6.28 -6.83
N LYS A 96 -7.49 5.78 -7.84
CA LYS A 96 -6.91 4.87 -8.83
CA LYS A 96 -6.92 4.87 -8.82
C LYS A 96 -5.72 5.47 -9.51
N ARG A 97 -5.73 6.80 -9.72
CA ARG A 97 -4.64 7.43 -10.47
C ARG A 97 -3.32 7.26 -9.72
N HIS A 98 -3.37 7.13 -8.41
CA HIS A 98 -2.14 6.87 -7.66
C HIS A 98 -1.75 5.41 -7.72
N ILE A 99 -2.61 4.53 -7.24
CA ILE A 99 -2.20 3.11 -7.16
C ILE A 99 -2.07 2.50 -8.54
N GLY A 100 -2.79 2.94 -9.54
CA GLY A 100 -2.66 2.39 -10.87
C GLY A 100 -1.39 2.79 -11.56
N ASN A 101 -0.71 3.81 -11.04
CA ASN A 101 0.56 4.29 -11.58
C ASN A 101 1.74 3.93 -10.68
N ASP A 102 1.49 3.14 -9.64
CA ASP A 102 2.55 2.68 -8.72
C ASP A 102 2.94 1.30 -9.10
N PHE A 103 4.24 1.10 -9.29
CA PHE A 103 4.73 -0.23 -9.66
C PHE A 103 4.44 -1.23 -8.53
N VAL A 104 4.58 -0.79 -7.30
CA VAL A 104 4.47 -1.61 -6.09
C VAL A 104 3.30 -1.13 -5.26
N ASN A 105 2.45 -2.07 -4.80
CA ASN A 105 1.34 -1.81 -3.91
C ASN A 105 1.30 -2.82 -2.79
N ILE A 106 1.10 -2.35 -1.61
CA ILE A 106 0.86 -3.13 -0.40
C ILE A 106 -0.61 -3.33 -0.26
N VAL A 107 -1.10 -4.55 -0.05
CA VAL A 107 -2.50 -4.85 0.08
C VAL A 107 -2.78 -5.46 1.44
N TRP A 108 -3.59 -4.87 2.26
CA TRP A 108 -4.02 -5.45 3.53
C TRP A 108 -5.32 -6.18 3.25
N ASN A 109 -5.22 -7.50 3.08
CA ASN A 109 -6.35 -8.30 2.65
C ASN A 109 -7.18 -8.82 3.82
N ASP A 110 -8.16 -8.06 4.25
CA ASP A 110 -9.14 -8.50 5.22
C ASP A 110 -10.39 -9.06 4.54
N SER A 111 -10.34 -9.43 3.27
CA SER A 111 -11.56 -9.83 2.59
C SER A 111 -12.13 -11.17 3.02
N GLY A 112 -11.25 -12.03 3.53
CA GLY A 112 -11.63 -13.43 3.85
C GLY A 112 -11.50 -14.33 2.64
N LYS A 113 -11.01 -13.81 1.54
CA LYS A 113 -10.87 -14.50 0.27
C LYS A 113 -9.43 -14.39 -0.21
N PRO A 114 -9.00 -15.27 -1.09
CA PRO A 114 -7.66 -15.14 -1.62
C PRO A 114 -7.57 -13.89 -2.49
N PHE A 115 -6.45 -13.20 -2.37
CA PHE A 115 -6.28 -11.99 -3.19
C PHE A 115 -6.09 -12.33 -4.65
N ARG A 116 -6.87 -11.74 -5.53
CA ARG A 116 -6.77 -11.99 -6.96
C ARG A 116 -5.81 -10.99 -7.58
N PHE A 117 -4.89 -11.48 -8.40
CA PHE A 117 -3.85 -10.63 -8.95
C PHE A 117 -4.41 -9.55 -9.87
N ASP A 118 -5.57 -9.80 -10.47
CA ASP A 118 -6.19 -8.88 -11.41
C ASP A 118 -7.21 -7.93 -10.77
N THR A 119 -7.16 -7.83 -9.43
CA THR A 119 -8.10 -6.96 -8.69
C THR A 119 -8.05 -5.50 -9.09
N PHE A 120 -6.87 -4.97 -9.45
CA PHE A 120 -6.71 -3.55 -9.68
C PHE A 120 -6.02 -3.38 -11.03
N PRO A 121 -6.76 -3.61 -12.11
CA PRO A 121 -6.12 -3.67 -13.43
C PRO A 121 -5.31 -2.41 -13.78
N SER A 122 -4.07 -2.67 -14.15
CA SER A 122 -3.17 -1.63 -14.56
C SER A 122 -1.99 -2.31 -15.17
N GLN A 123 -1.57 -1.76 -16.29
CA GLN A 123 -0.34 -2.21 -16.91
C GLN A 123 0.91 -1.77 -16.17
N PHE A 124 0.79 -0.95 -15.13
CA PHE A 124 1.96 -0.49 -14.36
C PHE A 124 2.09 -1.16 -13.00
N ASN A 125 1.17 -2.04 -12.66
CA ASN A 125 1.28 -2.71 -11.38
C ASN A 125 2.08 -3.97 -11.57
N TYR A 126 3.29 -3.98 -11.06
CA TYR A 126 4.18 -5.12 -11.23
C TYR A 126 4.16 -6.03 -10.04
N VAL A 127 4.01 -5.54 -8.82
CA VAL A 127 4.16 -6.29 -7.59
C VAL A 127 3.10 -5.90 -6.59
N TYR A 128 2.49 -6.88 -5.95
CA TYR A 128 1.63 -6.70 -4.79
C TYR A 128 2.27 -7.42 -3.60
N ILE A 129 2.40 -6.73 -2.50
CA ILE A 129 2.86 -7.27 -1.21
C ILE A 129 1.62 -7.49 -0.39
N VAL A 130 1.14 -8.71 -0.28
CA VAL A 130 -0.18 -9.03 0.27
C VAL A 130 -0.07 -9.46 1.72
N ILE A 131 -0.72 -8.79 2.63
CA ILE A 131 -0.74 -9.03 4.09
C ILE A 131 -2.08 -9.64 4.39
N THR A 132 -2.14 -10.83 4.95
CA THR A 132 -3.40 -11.48 5.30
C THR A 132 -3.34 -11.89 6.76
N PRO A 133 -4.13 -11.31 7.64
CA PRO A 133 -4.16 -11.75 9.04
C PRO A 133 -4.46 -13.24 9.15
N THR A 134 -3.82 -13.90 10.13
CA THR A 134 -4.00 -15.31 10.42
C THR A 134 -4.14 -15.50 11.91
N PRO A 135 -4.93 -16.49 12.33
CA PRO A 135 -4.94 -16.89 13.75
C PRO A 135 -3.70 -17.69 14.17
N ARG A 136 -2.96 -18.19 13.20
CA ARG A 136 -1.82 -19.06 13.49
C ARG A 136 -0.75 -18.32 14.32
N VAL A 137 -0.11 -19.10 15.18
CA VAL A 137 1.08 -18.68 15.89
C VAL A 137 2.14 -19.74 15.51
N PRO A 138 3.37 -19.31 15.16
CA PRO A 138 4.42 -20.30 14.83
C PRO A 138 4.52 -21.32 15.92
N PHE A 139 4.54 -22.62 15.57
CA PHE A 139 4.30 -23.64 16.55
C PHE A 139 5.39 -23.65 17.64
N LEU A 140 6.62 -23.31 17.26
CA LEU A 140 7.70 -23.43 18.24
C LEU A 140 8.10 -22.03 18.72
N ALA A 141 7.19 -21.08 18.64
CA ALA A 141 7.43 -19.73 19.20
C ALA A 141 7.50 -19.86 20.72
N ASP A 150 -0.60 -8.14 22.60
CA ASP A 150 0.83 -7.95 22.39
C ASP A 150 1.19 -8.25 20.93
N ASP A 151 1.81 -7.26 20.29
CA ASP A 151 2.10 -7.33 18.87
C ASP A 151 3.14 -8.41 18.48
N GLU A 152 3.82 -9.02 19.46
CA GLU A 152 4.71 -10.15 19.18
C GLU A 152 3.97 -11.48 19.19
N GLN A 153 2.71 -11.45 19.63
CA GLN A 153 1.92 -12.66 19.82
C GLN A 153 0.83 -12.82 18.76
N ARG A 154 0.71 -11.86 17.85
CA ARG A 154 -0.28 -11.91 16.78
C ARG A 154 0.40 -11.78 15.45
N PHE A 155 -0.09 -12.49 14.43
CA PHE A 155 0.66 -12.69 13.21
C PHE A 155 -0.16 -12.46 11.97
N VAL A 156 0.54 -12.21 10.87
CA VAL A 156 -0.06 -12.16 9.54
C VAL A 156 0.79 -13.02 8.60
N MET A 157 0.22 -13.40 7.48
CA MET A 157 0.91 -13.95 6.35
C MET A 157 1.27 -12.88 5.39
N VAL A 158 2.48 -12.91 4.85
CA VAL A 158 2.94 -11.95 3.85
C VAL A 158 3.35 -12.72 2.63
N GLN A 159 2.79 -12.39 1.47
CA GLN A 159 3.08 -13.04 0.20
C GLN A 159 3.31 -12.01 -0.87
N VAL A 160 4.31 -12.21 -1.71
CA VAL A 160 4.56 -11.30 -2.81
C VAL A 160 3.96 -11.94 -4.04
N MET A 161 3.20 -11.17 -4.81
CA MET A 161 2.60 -11.62 -6.06
C MET A 161 3.04 -10.69 -7.14
N SER A 162 3.66 -11.18 -8.20
CA SER A 162 4.19 -10.28 -9.22
C SER A 162 3.90 -10.77 -10.61
N GLN A 163 4.05 -9.88 -11.58
CA GLN A 163 3.88 -10.27 -12.99
C GLN A 163 4.77 -11.47 -13.36
N PRO A 164 4.38 -12.26 -14.38
CA PRO A 164 5.26 -13.33 -14.81
C PRO A 164 6.61 -12.80 -15.31
N GLY A 165 7.69 -13.41 -14.88
CA GLY A 165 9.03 -12.99 -15.27
C GLY A 165 9.58 -11.90 -14.34
N PHE A 166 8.80 -11.40 -13.38
CA PHE A 166 9.30 -10.38 -12.47
C PHE A 166 10.22 -11.05 -11.48
N PRO A 167 11.32 -10.38 -11.10
CA PRO A 167 12.21 -11.03 -10.12
C PRO A 167 11.53 -11.48 -8.80
N GLU A 168 11.87 -12.67 -8.34
CA GLU A 168 11.41 -13.08 -7.03
C GLU A 168 12.00 -12.19 -5.97
N ILE A 169 11.15 -11.94 -4.98
CA ILE A 169 11.45 -11.26 -3.77
C ILE A 169 10.82 -12.16 -2.71
N PRO A 175 4.85 -17.92 1.22
CA PRO A 175 4.23 -16.93 2.14
C PRO A 175 4.80 -17.12 3.54
N LYS A 176 5.18 -16.03 4.17
CA LYS A 176 5.94 -16.04 5.43
C LYS A 176 5.05 -15.52 6.53
N ILE A 177 5.11 -16.12 7.70
CA ILE A 177 4.41 -15.67 8.87
C ILE A 177 5.25 -14.63 9.59
N ILE A 178 4.63 -13.50 9.92
CA ILE A 178 5.36 -12.31 10.43
C ILE A 178 4.54 -11.74 11.56
N SER A 179 5.17 -11.37 12.69
CA SER A 179 4.43 -10.77 13.78
C SER A 179 4.01 -9.34 13.39
N LEU A 180 2.96 -8.86 14.03
CA LEU A 180 2.58 -7.45 13.84
C LEU A 180 3.71 -6.53 14.23
N LYS A 181 4.49 -6.85 15.27
CA LYS A 181 5.63 -5.98 15.62
C LYS A 181 6.67 -5.89 14.51
N ALA A 182 6.99 -6.99 13.87
CA ALA A 182 7.99 -7.02 12.82
C ALA A 182 7.49 -6.55 11.48
N LEU A 183 6.18 -6.48 11.36
CA LEU A 183 5.55 -6.28 10.05
C LEU A 183 5.92 -5.00 9.30
N PRO A 184 5.86 -3.83 9.97
CA PRO A 184 6.11 -2.66 9.13
C PRO A 184 7.54 -2.60 8.57
N SER A 185 8.55 -2.94 9.33
CA SER A 185 9.92 -2.96 8.82
CA SER A 185 9.90 -2.93 8.78
C SER A 185 10.08 -3.98 7.69
N PHE A 186 9.48 -5.16 7.87
CA PHE A 186 9.60 -6.22 6.90
C PHE A 186 8.94 -5.82 5.56
N VAL A 187 7.73 -5.31 5.63
CA VAL A 187 7.02 -4.89 4.44
C VAL A 187 7.72 -3.69 3.78
N ARG A 188 8.22 -2.77 4.58
CA ARG A 188 8.86 -1.61 3.99
C ARG A 188 10.10 -2.08 3.24
N LEU A 189 10.91 -3.00 3.77
CA LEU A 189 12.05 -3.52 3.05
C LEU A 189 11.64 -4.24 1.77
N LEU A 190 10.60 -5.07 1.83
CA LEU A 190 10.12 -5.71 0.60
C LEU A 190 9.69 -4.65 -0.42
N ALA A 191 9.00 -3.61 0.03
CA ALA A 191 8.50 -2.60 -0.91
C ALA A 191 9.66 -1.85 -1.51
N LEU A 192 10.69 -1.49 -0.75
CA LEU A 192 11.84 -0.81 -1.29
CA LEU A 192 11.85 -0.83 -1.28
C LEU A 192 12.54 -1.67 -2.33
N ASN A 193 12.81 -2.93 -2.01
CA ASN A 193 13.46 -3.81 -2.95
C ASN A 193 12.60 -3.98 -4.21
N ALA A 194 11.31 -4.17 -4.03
CA ALA A 194 10.43 -4.29 -5.19
C ALA A 194 10.44 -3.04 -6.05
N SER A 195 10.53 -1.89 -5.41
CA SER A 195 10.55 -0.63 -6.15
CA SER A 195 10.53 -0.66 -6.18
C SER A 195 11.80 -0.52 -6.99
N VAL A 196 12.95 -0.84 -6.38
CA VAL A 196 14.20 -0.81 -7.09
C VAL A 196 14.17 -1.75 -8.29
N PHE A 197 13.67 -2.97 -8.08
CA PHE A 197 13.61 -3.87 -9.19
C PHE A 197 12.66 -3.37 -10.28
N SER A 198 11.55 -2.77 -9.87
CA SER A 198 10.55 -2.26 -10.81
C SER A 198 11.11 -1.18 -11.71
N LEU A 199 12.00 -0.36 -11.17
CA LEU A 199 12.59 0.67 -12.01
C LEU A 199 13.40 0.09 -13.13
N VAL A 200 14.11 -1.01 -12.88
CA VAL A 200 14.83 -1.69 -13.94
C VAL A 200 13.88 -2.39 -14.89
N TRP A 201 12.90 -3.06 -14.31
CA TRP A 201 11.87 -3.81 -15.07
CA TRP A 201 11.99 -3.85 -15.11
C TRP A 201 11.16 -2.95 -16.07
N ALA A 202 10.92 -1.72 -15.68
CA ALA A 202 10.15 -0.78 -16.52
C ALA A 202 10.84 -0.58 -17.89
N ASN A 203 12.11 -0.97 -18.01
CA ASN A 203 12.86 -0.86 -19.29
C ASN A 203 12.80 -2.08 -20.20
N ARG A 204 12.20 -3.16 -19.73
CA ARG A 204 12.24 -4.41 -20.49
C ARG A 204 11.71 -4.21 -21.92
C1 EDO B . -8.24 12.64 5.53
O1 EDO B . -8.17 14.04 5.14
C2 EDO B . -6.90 12.12 5.99
O2 EDO B . -5.93 12.14 4.95
H11 EDO B . -8.98 12.52 6.32
H12 EDO B . -8.58 12.05 4.66
HO1 EDO B . -9.04 14.34 4.84
H21 EDO B . -6.54 12.73 6.82
H22 EDO B . -7.00 11.10 6.35
HO2 EDO B . -5.09 11.81 5.30
C1 EDO C . -13.57 12.62 -4.18
O1 EDO C . -13.71 13.89 -3.49
C2 EDO C . -12.64 12.81 -5.34
O2 EDO C . -11.40 13.21 -4.73
H11 EDO C . -13.17 11.87 -3.50
H12 EDO C . -14.54 12.29 -4.53
HO1 EDO C . -14.30 13.78 -2.73
H21 EDO C . -13.01 13.58 -6.02
H22 EDO C . -12.52 11.87 -5.90
HO2 EDO C . -10.73 13.34 -5.41
C1 EDO D . -10.23 -10.24 -2.67
O1 EDO D . -11.59 -10.65 -2.78
C2 EDO D . -9.96 -9.37 -3.86
O2 EDO D . -8.76 -9.77 -4.49
H11 EDO D . -10.07 -9.69 -1.75
H12 EDO D . -9.58 -11.12 -2.68
HO1 EDO D . -11.82 -11.22 -2.03
H21 EDO D . -10.79 -9.46 -4.58
H22 EDO D . -9.89 -8.33 -3.56
HO2 EDO D . -8.59 -9.20 -5.26
C1 EDO E . -5.19 9.00 10.58
O1 EDO E . -4.64 7.94 9.75
C2 EDO E . -4.86 10.47 10.20
O2 EDO E . -5.36 10.86 8.91
H11 EDO E . -4.83 8.83 11.61
H12 EDO E . -6.27 8.88 10.61
HO1 EDO E . -4.91 7.08 10.10
H21 EDO E . -5.29 11.12 10.96
H22 EDO E . -3.78 10.61 10.23
HO2 EDO E . -5.12 11.78 8.75
C1 EDO F . -13.93 16.58 -6.39
O1 EDO F . -14.45 15.83 -5.28
C2 EDO F . -12.40 16.72 -6.32
O2 EDO F . -11.97 17.15 -5.01
H11 EDO F . -14.20 16.09 -7.33
H12 EDO F . -14.37 17.58 -6.39
HO1 EDO F . -15.41 15.77 -5.35
H21 EDO F . -12.06 17.43 -7.07
H22 EDO F . -11.94 15.75 -6.54
HO2 EDO F . -11.01 17.22 -5.00
C1 EDO G . -18.61 -7.52 -3.84
O1 EDO G . -18.91 -8.56 -2.88
C2 EDO G . -19.75 -7.18 -4.81
O2 EDO G . -20.72 -6.30 -4.23
H11 EDO G . -17.74 -7.83 -4.43
H12 EDO G . -18.33 -6.63 -3.30
HO1 EDO G . -18.14 -8.71 -2.32
H21 EDO G . -19.34 -6.72 -5.71
H22 EDO G . -20.25 -8.10 -5.12
HO2 EDO G . -21.42 -6.11 -4.88
#